data_5EK5
#
_entry.id   5EK5
#
_cell.length_a   93.999
_cell.length_b   93.999
_cell.length_c   93.999
_cell.angle_alpha   90.00
_cell.angle_beta   90.00
_cell.angle_gamma   90.00
#
_symmetry.space_group_name_H-M   'P 21 3'
#
loop_
_entity.id
_entity.type
_entity.pdbx_description
1 polymer IRMA
2 non-polymer 'CHLORIDE ION'
3 non-polymer 'FORMIC ACID'
4 non-polymer 'SODIUM ION'
5 non-polymer 1,2-ETHANEDIOL
6 water water
#
_entity_poly.entity_id   1
_entity_poly.type   'polypeptide(L)'
_entity_poly.pdbx_seq_one_letter_code
;SNAQDQRYISIRNTDTIWLPGNICAYQFRLDNGGNDEGFGPLTITLQLKDKYGQTLVTRKMETEAFGDSNATRTTDAFLE
TECVENVATTEIIKATEESNGHRVSLPLSVFDPQDYHPLLITVSGKNVN
;
_entity_poly.pdbx_strand_id   A,B
#
# COMPACT_ATOMS: atom_id res chain seq x y z
N GLN A 6 -18.86 -11.83 8.26
CA GLN A 6 -19.11 -11.52 6.85
C GLN A 6 -17.82 -11.69 6.07
N ARG A 7 -17.72 -11.13 4.88
CA ARG A 7 -16.50 -11.28 4.11
C ARG A 7 -15.56 -10.08 4.30
N TYR A 8 -14.36 -10.19 3.76
CA TYR A 8 -13.34 -9.16 3.95
C TYR A 8 -12.70 -8.75 2.62
N ILE A 9 -12.61 -7.45 2.35
CA ILE A 9 -11.75 -6.96 1.27
C ILE A 9 -10.92 -5.75 1.70
N SER A 10 -9.62 -5.92 1.80
CA SER A 10 -8.74 -4.77 1.93
C SER A 10 -8.52 -4.19 0.54
N ILE A 11 -8.41 -2.87 0.47
CA ILE A 11 -8.25 -2.22 -0.82
C ILE A 11 -7.36 -0.98 -0.68
N ARG A 12 -6.40 -0.85 -1.59
CA ARG A 12 -5.52 0.31 -1.58
C ARG A 12 -5.13 0.65 -3.02
N ASN A 13 -4.79 1.92 -3.23
CA ASN A 13 -4.34 2.38 -4.54
C ASN A 13 -2.84 2.15 -4.65
N THR A 14 -2.42 1.45 -5.71
CA THR A 14 -1.03 0.99 -5.78
C THR A 14 -0.16 1.68 -6.82
N ASP A 15 -0.76 2.41 -7.75
CA ASP A 15 -0.01 3.20 -8.74
C ASP A 15 -0.97 3.98 -9.63
N THR A 16 -0.41 4.93 -10.37
CA THR A 16 -1.18 5.68 -11.35
C THR A 16 -0.43 5.64 -12.67
N ILE A 17 -1.10 5.21 -13.73
CA ILE A 17 -0.44 5.04 -15.01
C ILE A 17 -0.99 6.02 -16.04
N TRP A 18 -0.09 6.83 -16.59
CA TRP A 18 -0.46 7.83 -17.59
C TRP A 18 -0.49 7.22 -18.99
N LEU A 19 -1.63 7.36 -19.65
CA LEU A 19 -1.86 6.70 -20.93
C LEU A 19 -2.04 7.72 -22.04
N PRO A 20 -1.85 7.31 -23.30
CA PRO A 20 -2.09 8.22 -24.42
C PRO A 20 -3.55 8.69 -24.48
N GLY A 21 -3.77 9.89 -25.02
CA GLY A 21 -5.09 10.48 -25.05
C GLY A 21 -5.43 11.11 -23.71
N ASN A 22 -4.41 11.38 -22.91
CA ASN A 22 -4.54 11.91 -21.55
C ASN A 22 -5.51 11.08 -20.71
N ILE A 23 -5.27 9.78 -20.64
CA ILE A 23 -6.05 8.90 -19.80
C ILE A 23 -5.20 8.46 -18.61
N CYS A 24 -5.78 8.47 -17.42
CA CYS A 24 -5.09 7.94 -16.25
C CYS A 24 -5.70 6.64 -15.75
N ALA A 25 -4.83 5.68 -15.47
CA ALA A 25 -5.25 4.40 -14.93
C ALA A 25 -4.83 4.31 -13.47
N TYR A 26 -5.81 4.37 -12.57
CA TYR A 26 -5.54 4.21 -11.15
C TYR A 26 -5.65 2.73 -10.80
N GLN A 27 -4.55 2.18 -10.30
CA GLN A 27 -4.47 0.76 -10.02
C GLN A 27 -4.83 0.46 -8.56
N PHE A 28 -5.73 -0.49 -8.35
CA PHE A 28 -6.12 -0.86 -7.00
C PHE A 28 -5.81 -2.33 -6.70
N ARG A 29 -5.25 -2.56 -5.52
CA ARG A 29 -5.02 -3.91 -5.01
C ARG A 29 -6.15 -4.32 -4.06
N LEU A 30 -6.81 -5.43 -4.38
CA LEU A 30 -7.84 -5.99 -3.52
C LEU A 30 -7.41 -7.32 -2.95
N ASP A 31 -7.69 -7.52 -1.67
CA ASP A 31 -7.23 -8.71 -0.96
C ASP A 31 -8.33 -9.20 -0.03
N ASN A 32 -8.69 -10.48 -0.14
CA ASN A 32 -9.73 -11.04 0.72
C ASN A 32 -9.15 -11.58 2.02
N GLY A 33 -7.92 -11.18 2.31
CA GLY A 33 -7.27 -11.55 3.55
C GLY A 33 -6.95 -13.03 3.76
N GLY A 34 -7.06 -13.83 2.70
CA GLY A 34 -6.68 -15.23 2.77
C GLY A 34 -7.79 -16.20 3.10
N ASN A 35 -9.01 -15.69 3.16
CA ASN A 35 -10.21 -16.49 3.37
C ASN A 35 -10.49 -17.44 2.20
N ASP A 36 -11.23 -18.50 2.47
CA ASP A 36 -11.54 -19.49 1.44
C ASP A 36 -12.85 -19.17 0.76
N GLU A 37 -13.52 -18.10 1.21
CA GLU A 37 -14.66 -17.53 0.50
C GLU A 37 -14.30 -16.39 -0.44
N GLY A 38 -14.43 -16.64 -1.73
CA GLY A 38 -14.02 -15.67 -2.74
C GLY A 38 -15.12 -14.70 -3.11
N PHE A 39 -14.94 -14.02 -4.24
CA PHE A 39 -15.91 -13.05 -4.73
C PHE A 39 -16.09 -13.25 -6.22
N GLY A 40 -17.31 -13.05 -6.72
CA GLY A 40 -17.51 -12.97 -8.16
C GLY A 40 -17.00 -11.62 -8.63
N PRO A 41 -16.99 -11.38 -9.95
CA PRO A 41 -16.62 -10.08 -10.52
C PRO A 41 -17.32 -8.92 -9.79
N LEU A 42 -16.56 -7.92 -9.38
CA LEU A 42 -17.13 -6.79 -8.67
C LEU A 42 -17.22 -5.55 -9.55
N THR A 43 -18.28 -4.78 -9.33
CA THR A 43 -18.43 -3.47 -9.92
C THR A 43 -18.48 -2.46 -8.79
N ILE A 44 -17.46 -1.61 -8.74
CA ILE A 44 -17.31 -0.69 -7.62
C ILE A 44 -17.46 0.74 -8.11
N THR A 45 -18.33 1.50 -7.45
CA THR A 45 -18.56 2.88 -7.82
C THR A 45 -17.73 3.79 -6.92
N LEU A 46 -16.89 4.61 -7.54
CA LEU A 46 -15.99 5.48 -6.80
C LEU A 46 -16.28 6.95 -7.06
N GLN A 47 -16.33 7.73 -5.99
CA GLN A 47 -16.30 9.18 -6.10
C GLN A 47 -14.85 9.62 -6.09
N LEU A 48 -14.40 10.26 -7.17
CA LEU A 48 -13.07 10.84 -7.18
C LEU A 48 -13.21 12.24 -6.62
N LYS A 49 -12.39 12.57 -5.63
CA LYS A 49 -12.55 13.84 -4.92
C LYS A 49 -11.26 14.62 -4.90
N ASP A 50 -11.39 15.94 -4.84
CA ASP A 50 -10.19 16.76 -4.65
C ASP A 50 -9.76 16.68 -3.20
N LYS A 51 -8.75 17.45 -2.85
CA LYS A 51 -8.19 17.37 -1.50
C LYS A 51 -9.12 17.99 -0.46
N TYR A 52 -10.01 18.85 -0.92
CA TYR A 52 -10.94 19.51 -0.04
C TYR A 52 -12.10 18.58 0.31
N GLY A 53 -12.22 17.49 -0.45
CA GLY A 53 -13.28 16.50 -0.24
C GLY A 53 -14.47 16.68 -1.16
N GLN A 54 -14.34 17.57 -2.13
CA GLN A 54 -15.41 17.82 -3.09
C GLN A 54 -15.35 16.81 -4.21
N THR A 55 -16.51 16.25 -4.56
CA THR A 55 -16.58 15.24 -5.62
C THR A 55 -16.34 15.86 -6.99
N LEU A 56 -15.42 15.28 -7.74
CA LEU A 56 -15.11 15.76 -9.08
C LEU A 56 -15.91 14.97 -10.11
N VAL A 57 -15.62 13.69 -10.22
CA VAL A 57 -16.36 12.80 -11.08
C VAL A 57 -16.70 11.52 -10.32
N THR A 58 -17.70 10.79 -10.83
CA THR A 58 -18.05 9.50 -10.26
C THR A 58 -17.86 8.43 -11.33
N ARG A 59 -17.09 7.41 -11.00
CA ARG A 59 -16.70 6.39 -11.97
C ARG A 59 -16.89 4.98 -11.42
N LYS A 60 -17.02 4.01 -12.32
CA LYS A 60 -17.15 2.62 -11.92
C LYS A 60 -15.88 1.85 -12.27
N MET A 61 -15.57 0.87 -11.43
CA MET A 61 -14.40 0.03 -11.63
C MET A 61 -14.81 -1.43 -11.56
N GLU A 62 -14.36 -2.24 -12.51
CA GLU A 62 -14.73 -3.65 -12.53
C GLU A 62 -13.53 -4.53 -12.21
N THR A 63 -13.77 -5.58 -11.44
CA THR A 63 -12.71 -6.50 -11.06
C THR A 63 -13.03 -7.91 -11.53
N GLU A 64 -11.98 -8.72 -11.64
CA GLU A 64 -12.14 -10.13 -11.91
C GLU A 64 -12.63 -10.81 -10.65
N ALA A 65 -13.12 -12.04 -10.78
CA ALA A 65 -13.48 -12.83 -9.62
C ALA A 65 -12.17 -13.18 -8.93
N PHE A 66 -12.18 -13.24 -7.60
CA PHE A 66 -10.95 -13.51 -6.86
C PHE A 66 -11.21 -14.04 -5.46
N GLY A 67 -10.15 -14.48 -4.80
CA GLY A 67 -10.22 -14.99 -3.44
C GLY A 67 -10.68 -16.43 -3.41
N ASP A 68 -10.77 -17.03 -4.59
CA ASP A 68 -11.29 -18.38 -4.72
C ASP A 68 -10.23 -19.48 -4.88
N SER A 69 -8.95 -19.11 -4.92
CA SER A 69 -7.81 -20.03 -5.04
C SER A 69 -6.67 -19.39 -4.22
N ASN A 70 -5.61 -20.10 -3.83
CA ASN A 70 -4.57 -19.38 -3.09
C ASN A 70 -3.73 -18.47 -4.02
N ALA A 71 -3.85 -18.60 -5.34
CA ALA A 71 -3.06 -17.70 -6.19
C ALA A 71 -3.91 -16.54 -6.71
N THR A 72 -5.18 -16.54 -6.31
CA THR A 72 -6.08 -15.40 -6.54
C THR A 72 -6.60 -14.77 -5.25
N ARG A 73 -5.82 -14.85 -4.17
CA ARG A 73 -6.19 -14.23 -2.91
C ARG A 73 -6.26 -12.72 -3.07
N THR A 74 -5.38 -12.18 -3.90
CA THR A 74 -5.41 -10.78 -4.25
C THR A 74 -5.71 -10.61 -5.73
N THR A 75 -6.21 -9.44 -6.11
CA THR A 75 -6.37 -9.11 -7.52
C THR A 75 -6.14 -7.63 -7.73
N ASP A 76 -5.76 -7.26 -8.95
CA ASP A 76 -5.46 -5.87 -9.28
C ASP A 76 -6.51 -5.34 -10.25
N ALA A 77 -7.04 -4.17 -9.95
CA ALA A 77 -8.03 -3.55 -10.80
C ALA A 77 -7.58 -2.16 -11.23
N PHE A 78 -8.09 -1.70 -12.36
CA PHE A 78 -7.72 -0.42 -12.90
C PHE A 78 -8.95 0.43 -13.16
N LEU A 79 -8.85 1.71 -12.82
CA LEU A 79 -9.91 2.66 -13.12
C LEU A 79 -9.42 3.61 -14.19
N GLU A 80 -10.00 3.52 -15.37
CA GLU A 80 -9.61 4.39 -16.47
C GLU A 80 -10.57 5.55 -16.57
N THR A 81 -10.00 6.75 -16.67
CA THR A 81 -10.78 7.97 -16.83
C THR A 81 -9.89 9.05 -17.42
N GLU A 82 -10.52 10.10 -17.93
CA GLU A 82 -9.78 11.25 -18.41
C GLU A 82 -8.97 11.69 -17.23
N CYS A 83 -7.65 11.77 -17.39
CA CYS A 83 -6.80 11.94 -16.23
C CYS A 83 -7.11 13.28 -15.66
N VAL A 84 -7.95 13.23 -14.63
CA VAL A 84 -8.63 14.37 -14.10
C VAL A 84 -7.82 15.06 -12.98
N GLU A 85 -7.67 16.38 -13.11
CA GLU A 85 -6.69 17.13 -12.33
C GLU A 85 -7.26 17.45 -10.94
N ASN A 86 -6.42 17.37 -9.90
CA ASN A 86 -6.76 17.45 -8.47
C ASN A 86 -7.36 16.26 -7.70
N VAL A 87 -7.31 15.04 -8.24
CA VAL A 87 -7.73 13.88 -7.44
C VAL A 87 -6.77 13.59 -6.28
N ALA A 88 -7.29 13.63 -5.06
CA ALA A 88 -6.47 13.35 -3.88
C ALA A 88 -6.95 12.09 -3.19
N THR A 89 -8.28 11.92 -3.17
CA THR A 89 -8.89 10.80 -2.47
C THR A 89 -10.03 10.21 -3.30
N THR A 90 -10.41 8.99 -2.96
CA THR A 90 -11.57 8.38 -3.57
C THR A 90 -12.45 7.75 -2.50
N GLU A 91 -13.76 7.82 -2.69
CA GLU A 91 -14.70 7.21 -1.75
C GLU A 91 -15.60 6.16 -2.40
N ILE A 92 -15.61 4.97 -1.82
CA ILE A 92 -16.48 3.89 -2.27
C ILE A 92 -17.91 4.16 -1.81
N ILE A 93 -18.83 4.30 -2.77
CA ILE A 93 -20.21 4.62 -2.43
C ILE A 93 -21.15 3.47 -2.80
N LYS A 94 -20.67 2.55 -3.63
CA LYS A 94 -21.45 1.38 -4.01
C LYS A 94 -20.56 0.24 -4.49
N ALA A 95 -21.02 -1.00 -4.29
CA ALA A 95 -20.32 -2.16 -4.79
C ALA A 95 -21.32 -3.26 -5.15
N THR A 96 -21.13 -3.85 -6.32
CA THR A 96 -22.03 -4.88 -6.82
C THR A 96 -21.25 -6.11 -7.23
N GLU A 97 -21.78 -7.29 -6.91
CA GLU A 97 -21.10 -8.55 -7.19
C GLU A 97 -21.89 -9.40 -8.18
N GLU A 98 -21.22 -9.83 -9.24
CA GLU A 98 -21.83 -10.76 -10.17
C GLU A 98 -21.72 -12.17 -9.60
N SER A 99 -22.81 -12.66 -9.02
CA SER A 99 -22.79 -13.98 -8.41
C SER A 99 -24.01 -14.81 -8.80
N ASN A 100 -23.78 -15.97 -9.40
CA ASN A 100 -24.84 -16.93 -9.69
C ASN A 100 -25.96 -16.42 -10.59
N GLY A 101 -25.60 -15.66 -11.62
CA GLY A 101 -26.57 -15.03 -12.52
C GLY A 101 -27.29 -13.77 -12.06
N HIS A 102 -26.91 -13.26 -10.90
CA HIS A 102 -27.53 -12.05 -10.40
C HIS A 102 -26.49 -10.99 -10.07
N ARG A 103 -26.84 -9.73 -10.32
CA ARG A 103 -26.02 -8.61 -9.84
C ARG A 103 -26.43 -8.34 -8.39
N VAL A 104 -25.53 -8.63 -7.45
CA VAL A 104 -25.90 -8.52 -6.04
C VAL A 104 -25.17 -7.39 -5.35
N SER A 105 -25.90 -6.66 -4.52
CA SER A 105 -25.32 -5.55 -3.77
C SER A 105 -24.39 -6.09 -2.69
N LEU A 106 -23.22 -5.47 -2.58
CA LEU A 106 -22.22 -5.89 -1.61
C LEU A 106 -22.15 -4.84 -0.51
N PRO A 107 -22.37 -5.27 0.75
CA PRO A 107 -22.26 -4.36 1.89
C PRO A 107 -20.92 -3.67 1.93
N LEU A 108 -20.91 -2.35 2.11
CA LEU A 108 -19.69 -1.58 2.02
C LEU A 108 -18.78 -1.79 3.24
N SER A 109 -19.36 -2.35 4.30
CA SER A 109 -18.61 -2.64 5.52
C SER A 109 -17.56 -3.73 5.29
N VAL A 110 -17.76 -4.51 4.23
CA VAL A 110 -16.82 -5.57 3.86
C VAL A 110 -15.43 -5.00 3.55
N PHE A 111 -15.41 -3.78 3.00
CA PHE A 111 -14.17 -3.15 2.58
C PHE A 111 -13.32 -2.65 3.75
N ASP A 112 -12.01 -2.84 3.63
CA ASP A 112 -11.03 -2.28 4.57
C ASP A 112 -10.08 -1.37 3.81
N PRO A 113 -10.50 -0.12 3.59
CA PRO A 113 -9.79 0.83 2.72
C PRO A 113 -8.52 1.40 3.34
N GLN A 114 -7.57 1.82 2.50
CA GLN A 114 -6.42 2.58 2.98
C GLN A 114 -6.82 4.05 3.14
N ASP A 115 -7.30 4.38 4.33
CA ASP A 115 -7.73 5.73 4.64
C ASP A 115 -6.60 6.47 5.37
N TYR A 116 -5.42 6.39 4.78
CA TYR A 116 -4.22 6.97 5.37
C TYR A 116 -3.27 7.46 4.27
N HIS A 117 -2.68 8.64 4.48
CA HIS A 117 -1.65 9.17 3.58
C HIS A 117 -0.27 8.68 4.00
N PRO A 118 0.34 7.80 3.20
CA PRO A 118 1.64 7.26 3.59
C PRO A 118 2.83 8.16 3.24
N LEU A 119 3.92 7.98 3.98
CA LEU A 119 5.19 8.58 3.60
C LEU A 119 5.60 8.00 2.26
N LEU A 120 6.13 8.84 1.39
CA LEU A 120 6.69 8.36 0.14
C LEU A 120 8.09 7.82 0.41
N ILE A 121 8.44 6.73 -0.28
CA ILE A 121 9.75 6.10 -0.10
C ILE A 121 10.53 6.08 -1.39
N THR A 122 11.77 6.57 -1.36
CA THR A 122 12.66 6.50 -2.50
C THR A 122 13.93 5.71 -2.16
N VAL A 123 14.71 5.37 -3.18
CA VAL A 123 15.94 4.64 -2.99
C VAL A 123 17.11 5.30 -3.71
N GLN B 6 18.64 -9.47 -6.93
CA GLN B 6 18.61 -10.83 -6.38
C GLN B 6 17.23 -11.20 -5.82
N ARG B 7 17.01 -10.89 -4.54
CA ARG B 7 15.76 -11.17 -3.85
C ARG B 7 14.87 -9.96 -3.98
N TYR B 8 13.65 -10.05 -3.46
CA TYR B 8 12.68 -8.97 -3.60
C TYR B 8 12.14 -8.53 -2.25
N ILE B 9 12.17 -7.22 -1.99
CA ILE B 9 11.45 -6.63 -0.87
C ILE B 9 10.69 -5.41 -1.32
N SER B 10 9.36 -5.51 -1.35
CA SER B 10 8.53 -4.35 -1.50
C SER B 10 8.47 -3.70 -0.13
N ILE B 11 8.45 -2.37 -0.10
CA ILE B 11 8.43 -1.66 1.17
C ILE B 11 7.55 -0.44 1.04
N ARG B 12 6.67 -0.26 2.00
CA ARG B 12 5.75 0.86 2.02
C ARG B 12 5.41 1.27 3.44
N ASN B 13 5.04 2.52 3.60
CA ASN B 13 4.63 3.04 4.90
C ASN B 13 3.13 2.79 5.10
N THR B 14 2.80 2.13 6.20
CA THR B 14 1.42 1.67 6.42
C THR B 14 0.70 2.41 7.55
N ASP B 15 1.45 3.15 8.36
CA ASP B 15 0.85 3.87 9.47
C ASP B 15 1.83 4.82 10.16
N THR B 16 1.27 5.73 10.94
CA THR B 16 2.05 6.63 11.77
C THR B 16 1.45 6.56 13.17
N ILE B 17 2.29 6.25 14.16
CA ILE B 17 1.78 6.09 15.51
C ILE B 17 2.33 7.18 16.41
N TRP B 18 1.43 7.95 17.02
CA TRP B 18 1.84 9.01 17.93
C TRP B 18 2.08 8.42 19.31
N LEU B 19 3.29 8.64 19.83
CA LEU B 19 3.72 8.02 21.07
C LEU B 19 3.99 9.08 22.13
N PRO B 20 3.97 8.68 23.41
CA PRO B 20 4.34 9.61 24.48
C PRO B 20 5.77 10.13 24.32
N GLY B 21 6.03 11.34 24.83
CA GLY B 21 7.32 11.97 24.66
C GLY B 21 7.47 12.63 23.30
N ASN B 22 6.33 12.91 22.66
CA ASN B 22 6.28 13.50 21.33
C ASN B 22 7.14 12.72 20.33
N ILE B 23 6.90 11.42 20.27
CA ILE B 23 7.58 10.56 19.31
C ILE B 23 6.59 10.11 18.23
N CYS B 24 7.02 10.11 16.98
CA CYS B 24 6.21 9.55 15.93
C CYS B 24 6.88 8.25 15.47
N ALA B 25 6.09 7.19 15.39
CA ALA B 25 6.58 5.91 14.93
C ALA B 25 6.00 5.61 13.57
N TYR B 26 6.84 5.65 12.54
CA TYR B 26 6.39 5.32 11.20
C TYR B 26 6.55 3.83 10.94
N GLN B 27 5.42 3.18 10.65
CA GLN B 27 5.40 1.74 10.46
C GLN B 27 5.60 1.38 9.00
N PHE B 28 6.55 0.49 8.73
CA PHE B 28 6.78 0.05 7.36
C PHE B 28 6.52 -1.45 7.28
N ARG B 29 5.78 -1.84 6.26
CA ARG B 29 5.60 -3.25 5.95
C ARG B 29 6.56 -3.68 4.86
N LEU B 30 7.31 -4.75 5.12
CA LEU B 30 8.21 -5.30 4.11
C LEU B 30 7.63 -6.62 3.64
N ASP B 31 7.68 -6.85 2.33
CA ASP B 31 7.02 -8.00 1.73
C ASP B 31 7.88 -8.60 0.62
N ASN B 32 8.13 -9.90 0.71
CA ASN B 32 8.92 -10.57 -0.32
C ASN B 32 8.07 -11.15 -1.47
N GLY B 33 6.82 -10.71 -1.54
CA GLY B 33 5.93 -11.04 -2.65
C GLY B 33 5.61 -12.51 -2.82
N GLY B 34 5.98 -13.31 -1.83
CA GLY B 34 5.67 -14.73 -1.85
C GLY B 34 6.82 -15.55 -2.41
N ASN B 35 7.89 -14.88 -2.79
CA ASN B 35 9.13 -15.56 -3.11
C ASN B 35 9.60 -16.05 -1.76
N ASP B 36 9.65 -17.35 -1.50
CA ASP B 36 10.04 -17.70 -0.14
C ASP B 36 11.53 -18.02 -0.01
N GLU B 37 12.33 -17.19 -0.67
CA GLU B 37 13.74 -16.99 -0.35
C GLU B 37 13.78 -15.83 0.64
N GLY B 38 14.12 -16.13 1.90
CA GLY B 38 14.00 -15.12 2.94
C GLY B 38 15.15 -14.17 3.20
N PHE B 39 15.05 -13.49 4.34
CA PHE B 39 16.04 -12.51 4.77
C PHE B 39 16.31 -12.66 6.26
N GLY B 40 17.57 -12.48 6.64
CA GLY B 40 17.94 -12.34 8.03
C GLY B 40 17.56 -10.94 8.50
N PRO B 41 17.75 -10.67 9.80
CA PRO B 41 17.55 -9.34 10.38
C PRO B 41 18.17 -8.22 9.55
N LEU B 42 17.39 -7.19 9.22
CA LEU B 42 17.87 -6.07 8.41
C LEU B 42 18.09 -4.79 9.21
N THR B 43 19.10 -4.03 8.82
CA THR B 43 19.30 -2.68 9.36
C THR B 43 19.21 -1.66 8.25
N ILE B 44 18.18 -0.82 8.29
CA ILE B 44 17.94 0.12 7.20
C ILE B 44 18.07 1.56 7.65
N THR B 45 18.91 2.32 6.95
CA THR B 45 19.12 3.73 7.26
C THR B 45 18.34 4.64 6.31
N LEU B 46 17.47 5.47 6.87
CA LEU B 46 16.60 6.34 6.07
C LEU B 46 16.82 7.83 6.35
N GLN B 47 16.88 8.61 5.28
CA GLN B 47 16.80 10.07 5.39
C GLN B 47 15.34 10.53 5.39
N LEU B 48 14.92 11.21 6.45
CA LEU B 48 13.58 11.78 6.50
C LEU B 48 13.62 13.18 5.91
N LYS B 49 12.70 13.45 4.99
CA LYS B 49 12.75 14.69 4.22
C LYS B 49 11.42 15.43 4.33
N ASP B 50 11.46 16.76 4.23
CA ASP B 50 10.22 17.52 4.16
C ASP B 50 9.66 17.46 2.74
N LYS B 51 8.60 18.21 2.48
CA LYS B 51 7.94 18.16 1.17
C LYS B 51 8.80 18.81 0.09
N TYR B 52 9.71 19.68 0.50
CA TYR B 52 10.60 20.37 -0.43
C TYR B 52 11.79 19.50 -0.83
N GLY B 53 12.00 18.41 -0.09
CA GLY B 53 13.10 17.51 -0.35
C GLY B 53 14.31 17.78 0.53
N GLN B 54 14.13 18.62 1.53
CA GLN B 54 15.22 18.95 2.46
C GLN B 54 15.34 17.91 3.56
N THR B 55 16.56 17.48 3.84
CA THR B 55 16.81 16.46 4.84
C THR B 55 16.57 16.99 6.24
N LEU B 56 15.76 16.28 7.01
CA LEU B 56 15.47 16.67 8.38
C LEU B 56 16.38 15.90 9.34
N VAL B 57 16.15 14.59 9.44
CA VAL B 57 16.99 13.72 10.26
C VAL B 57 17.34 12.44 9.49
N THR B 58 18.37 11.76 9.94
CA THR B 58 18.71 10.45 9.40
C THR B 58 18.64 9.41 10.52
N ARG B 59 17.83 8.38 10.32
CA ARG B 59 17.57 7.40 11.36
C ARG B 59 17.69 5.98 10.82
N LYS B 60 17.89 5.03 11.72
CA LYS B 60 18.00 3.63 11.34
C LYS B 60 16.79 2.82 11.76
N MET B 61 16.45 1.82 10.96
CA MET B 61 15.30 0.96 11.21
C MET B 61 15.71 -0.50 11.20
N GLU B 62 15.25 -1.26 12.20
CA GLU B 62 15.59 -2.69 12.31
C GLU B 62 14.39 -3.59 12.06
N THR B 63 14.63 -4.68 11.34
CA THR B 63 13.57 -5.64 11.05
C THR B 63 13.95 -7.03 11.55
N GLU B 64 12.94 -7.87 11.82
CA GLU B 64 13.19 -9.27 12.10
C GLU B 64 13.45 -10.04 10.81
N ALA B 65 13.95 -11.26 10.96
CA ALA B 65 14.11 -12.16 9.84
C ALA B 65 12.71 -12.59 9.38
N PHE B 66 12.54 -12.74 8.07
CA PHE B 66 11.24 -13.07 7.46
C PHE B 66 11.40 -13.60 6.04
N GLY B 67 10.31 -14.13 5.50
CA GLY B 67 10.26 -14.57 4.11
C GLY B 67 10.81 -15.93 3.70
N ASP B 68 11.15 -16.81 4.64
CA ASP B 68 11.73 -18.11 4.24
C ASP B 68 10.57 -19.07 4.21
N SER B 69 9.40 -18.50 4.50
CA SER B 69 8.13 -19.22 4.54
C SER B 69 6.99 -18.34 4.02
N ASN B 70 5.87 -18.97 3.70
CA ASN B 70 4.73 -18.25 3.15
C ASN B 70 3.89 -17.37 4.06
N ALA B 71 3.87 -17.66 5.35
CA ALA B 71 3.02 -16.92 6.26
C ALA B 71 3.89 -15.96 7.02
N THR B 72 5.15 -15.98 6.62
CA THR B 72 6.13 -15.01 7.08
C THR B 72 6.64 -14.18 5.91
N ARG B 73 5.81 -14.05 4.87
CA ARG B 73 6.17 -13.28 3.69
C ARG B 73 6.32 -11.80 4.00
N THR B 74 5.54 -11.29 4.95
CA THR B 74 5.69 -9.92 5.39
C THR B 74 6.20 -9.80 6.82
N THR B 75 6.79 -8.65 7.12
CA THR B 75 7.17 -8.28 8.47
C THR B 75 7.05 -6.77 8.60
N ASP B 76 6.85 -6.30 9.84
CA ASP B 76 6.66 -4.88 10.08
C ASP B 76 7.82 -4.27 10.87
N ALA B 77 8.30 -3.12 10.42
CA ALA B 77 9.38 -2.40 11.09
C ALA B 77 8.94 -0.98 11.45
N PHE B 78 9.58 -0.40 12.46
CA PHE B 78 9.19 0.93 12.92
C PHE B 78 10.35 1.90 12.93
N LEU B 79 10.09 3.10 12.44
CA LEU B 79 11.07 4.18 12.43
C LEU B 79 10.65 5.29 13.41
N GLU B 80 11.46 5.47 14.45
CA GLU B 80 11.17 6.47 15.48
C GLU B 80 11.95 7.78 15.34
N THR B 81 11.23 8.89 15.47
CA THR B 81 11.86 10.20 15.51
C THR B 81 10.88 11.18 16.18
N GLU B 82 11.40 12.30 16.66
CA GLU B 82 10.55 13.33 17.25
C GLU B 82 9.51 13.84 16.26
N CYS B 83 8.25 13.80 16.66
CA CYS B 83 7.12 14.04 15.76
C CYS B 83 7.02 15.50 15.34
N VAL B 84 7.96 16.33 15.80
CA VAL B 84 7.96 17.74 15.48
C VAL B 84 8.37 18.05 14.06
N GLU B 85 8.57 17.02 13.25
CA GLU B 85 9.01 17.19 11.88
C GLU B 85 7.94 16.92 10.85
N ASN B 86 7.72 17.88 9.96
CA ASN B 86 6.81 17.74 8.83
C ASN B 86 7.36 16.78 7.78
N VAL B 87 7.60 15.54 8.19
CA VAL B 87 8.10 14.49 7.29
C VAL B 87 7.13 14.14 6.16
N ALA B 88 7.61 14.26 4.93
CA ALA B 88 6.79 13.95 3.76
C ALA B 88 7.30 12.70 3.03
N THR B 89 8.62 12.54 2.95
CA THR B 89 9.21 11.40 2.26
C THR B 89 10.39 10.84 3.04
N THR B 90 10.77 9.59 2.72
CA THR B 90 11.96 8.98 3.28
C THR B 90 12.77 8.34 2.15
N GLU B 91 14.10 8.42 2.25
CA GLU B 91 14.94 7.80 1.25
C GLU B 91 15.88 6.78 1.89
N ILE B 92 15.83 5.55 1.38
CA ILE B 92 16.70 4.49 1.85
C ILE B 92 18.08 4.71 1.26
N ILE B 93 19.07 4.91 2.12
CA ILE B 93 20.42 5.20 1.66
C ILE B 93 21.42 4.09 1.99
N LYS B 94 21.03 3.19 2.89
CA LYS B 94 21.90 2.06 3.24
C LYS B 94 21.10 0.92 3.85
N ALA B 95 21.56 -0.31 3.66
CA ALA B 95 20.91 -1.48 4.25
C ALA B 95 21.89 -2.59 4.61
N THR B 96 21.68 -3.20 5.78
CA THR B 96 22.56 -4.24 6.29
C THR B 96 21.76 -5.48 6.69
N GLU B 97 22.28 -6.66 6.38
CA GLU B 97 21.57 -7.89 6.66
C GLU B 97 22.31 -8.77 7.65
N GLU B 98 21.65 -9.16 8.73
CA GLU B 98 22.25 -10.14 9.63
C GLU B 98 21.97 -11.55 9.15
N SER B 99 22.99 -12.17 8.61
CA SER B 99 22.92 -13.52 8.08
C SER B 99 24.09 -14.25 8.69
N ASN B 100 23.85 -15.46 9.20
CA ASN B 100 24.95 -16.27 9.71
C ASN B 100 25.53 -15.65 11.00
N GLY B 101 24.77 -14.74 11.61
CA GLY B 101 25.33 -14.03 12.74
C GLY B 101 26.36 -13.01 12.31
N HIS B 102 26.39 -12.76 11.01
CA HIS B 102 27.43 -11.98 10.38
C HIS B 102 26.86 -10.72 9.71
N ARG B 103 27.71 -9.68 9.69
CA ARG B 103 27.43 -8.39 9.08
C ARG B 103 27.55 -8.42 7.55
N VAL B 104 26.44 -8.32 6.83
CA VAL B 104 26.54 -8.26 5.37
C VAL B 104 25.71 -7.12 4.79
N SER B 105 26.31 -6.44 3.82
CA SER B 105 25.70 -5.31 3.10
C SER B 105 24.62 -5.78 2.13
N LEU B 106 23.49 -5.08 2.13
CA LEU B 106 22.37 -5.44 1.26
C LEU B 106 22.20 -4.45 0.12
N PRO B 107 22.25 -4.96 -1.13
CA PRO B 107 22.03 -4.16 -2.34
C PRO B 107 20.68 -3.44 -2.32
N LEU B 108 20.68 -2.15 -2.63
CA LEU B 108 19.48 -1.35 -2.54
C LEU B 108 18.51 -1.66 -3.67
N SER B 109 19.00 -2.33 -4.71
CA SER B 109 18.17 -2.71 -5.85
C SER B 109 17.10 -3.72 -5.48
N VAL B 110 17.32 -4.42 -4.38
CA VAL B 110 16.38 -5.41 -3.87
C VAL B 110 15.03 -4.77 -3.54
N PHE B 111 15.07 -3.53 -3.07
CA PHE B 111 13.87 -2.84 -2.62
C PHE B 111 12.94 -2.41 -3.75
N ASP B 112 11.64 -2.56 -3.50
CA ASP B 112 10.61 -2.07 -4.41
C ASP B 112 9.75 -1.06 -3.64
N PRO B 113 10.23 0.18 -3.52
CA PRO B 113 9.65 1.20 -2.65
C PRO B 113 8.34 1.80 -3.18
N GLN B 114 7.49 2.28 -2.28
CA GLN B 114 6.33 3.06 -2.70
C GLN B 114 6.73 4.52 -2.94
N ASP B 115 7.18 4.82 -4.16
CA ASP B 115 7.63 6.18 -4.50
C ASP B 115 6.57 6.98 -5.22
N TYR B 116 5.34 6.91 -4.72
CA TYR B 116 4.22 7.60 -5.33
C TYR B 116 3.22 7.93 -4.24
N HIS B 117 2.54 9.06 -4.37
CA HIS B 117 1.46 9.39 -3.45
C HIS B 117 0.19 8.70 -3.92
N PRO B 118 -0.29 7.71 -3.15
CA PRO B 118 -1.48 6.98 -3.55
C PRO B 118 -2.73 7.74 -3.19
N LEU B 119 -3.82 7.46 -3.90
CA LEU B 119 -5.12 7.97 -3.52
C LEU B 119 -5.51 7.43 -2.15
N LEU B 120 -6.06 8.30 -1.31
CA LEU B 120 -6.62 7.84 -0.06
C LEU B 120 -8.00 7.26 -0.37
N ILE B 121 -8.35 6.18 0.30
CA ILE B 121 -9.63 5.54 0.06
C ILE B 121 -10.49 5.52 1.32
N THR B 122 -11.72 6.00 1.18
CA THR B 122 -12.70 5.95 2.25
C THR B 122 -13.93 5.18 1.79
N VAL B 123 -14.82 4.88 2.73
CA VAL B 123 -16.03 4.15 2.42
C VAL B 123 -17.24 4.90 2.96
N SER B 124 -18.23 5.11 2.12
CA SER B 124 -19.42 5.89 2.47
C SER B 124 -20.27 5.23 3.55
N GLY B 125 -21.05 6.05 4.24
CA GLY B 125 -21.94 5.57 5.28
C GLY B 125 -23.41 5.80 4.95
#